data_2PY8
#
_entry.id   2PY8
#
_cell.length_a   129.832
_cell.length_b   129.832
_cell.length_c   92.742
_cell.angle_alpha   90.000
_cell.angle_beta   90.000
_cell.angle_gamma   90.000
#
_symmetry.space_group_name_H-M   'P 43 21 2'
#
loop_
_entity.id
_entity.type
_entity.pdbx_description
1 polymer 'Hypothetical protein rbcX'
2 non-polymer 'CHLORIDE ION'
3 non-polymer 2-{2-[2-(2-{2-[2-(2-ETHOXY-ETHOXY)-ETHOXY]-ETHOXY}-ETHOXY)-ETHOXY]-ETHOXY}-ETHANOL
4 water water
#
_entity_poly.entity_id   1
_entity_poly.type   'polypeptide(L)'
_entity_poly.pdbx_seq_one_letter_code
;MQTKHIAQATVKVLQSYLTYQAVLRIQSELGETNPPQAIWLNQYLASHSIQNGETFLTELLDENKELVLRILAVREDIAE
SVLDFLPGMTRNSLAESNIAHRRHLLERLTRTVAEVDNFPSETSNGESNNNDSPPSAAALEHHHHHH
;
_entity_poly.pdbx_strand_id   A,B,C,D
#
# COMPACT_ATOMS: atom_id res chain seq x y z
N GLN A 2 -12.82 -2.38 -26.85
CA GLN A 2 -12.94 -3.74 -27.43
C GLN A 2 -11.69 -4.02 -28.27
N THR A 3 -11.74 -5.04 -29.13
CA THR A 3 -10.64 -5.39 -30.04
C THR A 3 -10.24 -4.26 -31.00
N LYS A 4 -11.22 -3.71 -31.71
CA LYS A 4 -10.93 -2.70 -32.73
C LYS A 4 -10.28 -1.45 -32.13
N HIS A 5 -10.76 -1.03 -30.96
CA HIS A 5 -10.20 0.14 -30.26
C HIS A 5 -8.74 -0.05 -29.86
N ILE A 6 -8.37 -1.26 -29.47
CA ILE A 6 -6.99 -1.57 -29.17
C ILE A 6 -6.14 -1.43 -30.43
N ALA A 7 -6.63 -1.96 -31.54
CA ALA A 7 -5.95 -1.87 -32.82
C ALA A 7 -5.75 -0.41 -33.23
N GLN A 8 -6.78 0.41 -33.08
CA GLN A 8 -6.70 1.84 -33.41
C GLN A 8 -5.62 2.51 -32.58
N ALA A 9 -5.68 2.28 -31.27
CA ALA A 9 -4.71 2.84 -30.36
C ALA A 9 -3.29 2.44 -30.78
N THR A 10 -3.13 1.18 -31.16
CA THR A 10 -1.84 0.64 -31.57
C THR A 10 -1.35 1.29 -32.87
N VAL A 11 -2.26 1.57 -33.78
CA VAL A 11 -1.88 2.20 -35.04
C VAL A 11 -1.28 3.60 -34.80
N LYS A 12 -1.92 4.40 -33.95
CA LYS A 12 -1.43 5.74 -33.62
C LYS A 12 -0.02 5.70 -33.05
N VAL A 13 0.21 4.76 -32.15
CA VAL A 13 1.52 4.59 -31.54
C VAL A 13 2.53 4.23 -32.63
N LEU A 14 2.16 3.29 -33.49
CA LEU A 14 3.00 2.85 -34.59
C LEU A 14 3.35 4.05 -35.46
N GLN A 15 2.32 4.77 -35.87
CA GLN A 15 2.48 5.92 -36.74
C GLN A 15 3.37 6.97 -36.10
N SER A 16 3.20 7.20 -34.81
CA SER A 16 4.04 8.18 -34.13
C SER A 16 5.48 7.71 -34.13
N TYR A 17 5.69 6.43 -33.87
CA TYR A 17 7.03 5.89 -33.84
C TYR A 17 7.72 6.03 -35.21
N LEU A 18 6.98 5.77 -36.28
CA LEU A 18 7.50 5.94 -37.66
C LEU A 18 7.82 7.41 -37.98
N THR A 19 7.02 8.32 -37.43
CA THR A 19 7.28 9.75 -37.59
C THR A 19 8.62 10.10 -36.93
N TYR A 20 8.86 9.58 -35.73
CA TYR A 20 10.12 9.81 -35.01
C TYR A 20 11.30 9.31 -35.84
N GLN A 21 11.14 8.10 -36.35
CA GLN A 21 12.15 7.44 -37.15
C GLN A 21 12.46 8.27 -38.38
N ALA A 22 11.43 8.76 -39.06
CA ALA A 22 11.64 9.58 -40.25
C ALA A 22 12.41 10.88 -39.92
N VAL A 23 12.09 11.48 -38.78
CA VAL A 23 12.80 12.68 -38.32
C VAL A 23 14.28 12.38 -38.09
N LEU A 24 14.59 11.24 -37.49
CA LEU A 24 16.00 10.87 -37.28
C LEU A 24 16.75 10.71 -38.59
N ARG A 25 16.15 10.04 -39.56
CA ARG A 25 16.79 9.87 -40.86
C ARG A 25 17.11 11.22 -41.50
N ILE A 26 16.15 12.14 -41.45
CA ILE A 26 16.34 13.49 -42.00
C ILE A 26 17.41 14.27 -41.23
N GLN A 27 17.53 14.00 -39.93
CA GLN A 27 18.50 14.64 -39.07
C GLN A 27 19.92 14.23 -39.51
N SER A 28 20.11 12.94 -39.77
CA SER A 28 21.35 12.39 -40.30
C SER A 28 21.73 12.98 -41.67
N GLU A 29 20.77 13.04 -42.59
CA GLU A 29 21.03 13.51 -43.95
C GLU A 29 21.42 14.98 -43.96
N LEU A 30 20.73 15.79 -43.17
CA LEU A 30 21.09 17.19 -42.99
C LEU A 30 22.48 17.29 -42.35
N GLY A 31 22.80 16.29 -41.53
CA GLY A 31 24.11 16.18 -40.89
C GLY A 31 25.27 16.09 -41.87
N GLU A 32 24.97 15.91 -43.15
CA GLU A 32 25.96 15.94 -44.21
C GLU A 32 25.77 17.16 -45.09
N THR A 33 24.55 17.39 -45.54
CA THR A 33 24.29 18.42 -46.54
C THR A 33 24.17 19.83 -45.97
N ASN A 34 23.71 19.96 -44.73
CA ASN A 34 23.35 21.28 -44.18
C ASN A 34 23.42 21.32 -42.64
N PRO A 35 24.64 21.29 -42.07
CA PRO A 35 24.83 21.20 -40.62
C PRO A 35 24.09 22.25 -39.78
N PRO A 36 23.99 23.50 -40.25
CA PRO A 36 23.13 24.46 -39.54
C PRO A 36 21.68 24.00 -39.33
N GLN A 37 21.07 23.40 -40.35
CA GLN A 37 19.68 22.89 -40.24
C GLN A 37 19.61 21.67 -39.30
N ALA A 38 20.60 20.79 -39.41
CA ALA A 38 20.71 19.62 -38.54
C ALA A 38 20.70 20.02 -37.05
N ILE A 39 21.44 21.07 -36.72
CA ILE A 39 21.49 21.57 -35.35
C ILE A 39 20.16 22.26 -34.99
N TRP A 40 19.58 23.00 -35.93
CA TRP A 40 18.28 23.64 -35.71
C TRP A 40 17.16 22.62 -35.43
N LEU A 41 17.20 21.50 -36.14
CA LEU A 41 16.19 20.46 -35.98
C LEU A 41 16.37 19.78 -34.64
N ASN A 42 17.63 19.51 -34.28
CA ASN A 42 17.98 18.97 -32.97
C ASN A 42 17.37 19.80 -31.85
N GLN A 43 17.59 21.10 -31.92
CA GLN A 43 17.06 22.02 -30.93
C GLN A 43 15.53 22.07 -30.98
N TYR A 44 14.96 21.99 -32.17
CA TYR A 44 13.51 21.97 -32.28
C TYR A 44 12.96 20.73 -31.59
N LEU A 45 13.65 19.61 -31.75
CA LEU A 45 13.20 18.33 -31.19
C LEU A 45 13.32 18.28 -29.65
N ALA A 46 14.32 18.97 -29.11
CA ALA A 46 14.51 19.10 -27.67
C ALA A 46 13.42 19.95 -27.02
N SER A 47 12.86 20.87 -27.81
CA SER A 47 11.84 21.82 -27.34
C SER A 47 10.40 21.42 -27.71
N HIS A 48 10.23 20.36 -28.51
CA HIS A 48 8.89 19.94 -28.97
C HIS A 48 8.75 18.43 -28.94
N SER A 49 7.79 17.94 -28.17
CA SER A 49 7.55 16.51 -28.04
C SER A 49 7.18 15.87 -29.37
N ILE A 50 7.84 14.76 -29.69
CA ILE A 50 7.50 13.96 -30.85
C ILE A 50 6.70 12.70 -30.47
N GLN A 51 6.17 12.66 -29.25
CA GLN A 51 5.41 11.49 -28.77
C GLN A 51 4.08 11.32 -29.53
N ASN A 52 3.46 12.43 -29.90
CA ASN A 52 2.37 12.36 -30.85
C ASN A 52 2.90 12.97 -32.13
N GLY A 53 3.15 12.11 -33.11
CA GLY A 53 3.72 12.57 -34.38
C GLY A 53 2.86 13.59 -35.11
N GLU A 54 1.54 13.45 -35.02
CA GLU A 54 0.64 14.34 -35.77
C GLU A 54 0.66 15.77 -35.25
N THR A 55 0.59 15.95 -33.94
CA THR A 55 0.65 17.30 -33.39
C THR A 55 2.06 17.87 -33.59
N PHE A 56 3.07 17.02 -33.53
CA PHE A 56 4.43 17.46 -33.80
C PHE A 56 4.48 18.02 -35.21
N LEU A 57 4.00 17.24 -36.18
CA LEU A 57 4.02 17.68 -37.57
C LEU A 57 3.16 18.93 -37.79
N THR A 58 1.95 18.92 -37.24
CA THR A 58 1.04 20.07 -37.35
C THR A 58 1.71 21.34 -36.87
N GLU A 59 2.29 21.32 -35.67
CA GLU A 59 2.95 22.51 -35.14
C GLU A 59 4.18 22.95 -35.97
N LEU A 60 4.93 22.00 -36.50
CA LEU A 60 6.11 22.27 -37.34
C LEU A 60 5.70 22.87 -38.67
N LEU A 61 4.56 22.42 -39.19
CA LEU A 61 4.10 22.85 -40.51
C LEU A 61 4.00 24.37 -40.59
N ASP A 62 3.68 25.02 -39.47
CA ASP A 62 3.52 26.48 -39.44
C ASP A 62 4.85 27.22 -39.40
N GLU A 63 5.95 26.53 -39.13
CA GLU A 63 7.27 27.16 -39.07
C GLU A 63 8.19 26.78 -40.23
N ASN A 64 8.14 25.53 -40.68
CA ASN A 64 8.94 25.09 -41.84
C ASN A 64 8.23 23.99 -42.60
N LYS A 65 7.40 24.40 -43.56
CA LYS A 65 6.55 23.47 -44.29
C LYS A 65 7.33 22.51 -45.19
N GLU A 66 8.45 22.98 -45.76
CA GLU A 66 9.24 22.15 -46.67
C GLU A 66 9.78 20.94 -45.91
N LEU A 67 10.06 21.14 -44.62
CA LEU A 67 10.63 20.08 -43.77
C LEU A 67 9.57 19.04 -43.39
N VAL A 68 8.34 19.48 -43.14
CA VAL A 68 7.27 18.55 -42.86
C VAL A 68 7.04 17.68 -44.07
N LEU A 69 7.00 18.28 -45.25
CA LEU A 69 6.80 17.48 -46.47
C LEU A 69 7.89 16.43 -46.60
N ARG A 70 9.13 16.80 -46.31
CA ARG A 70 10.24 15.87 -46.37
C ARG A 70 10.04 14.75 -45.35
N ILE A 71 9.61 15.11 -44.15
CA ILE A 71 9.35 14.09 -43.11
C ILE A 71 8.22 13.17 -43.55
N LEU A 72 7.17 13.74 -44.12
CA LEU A 72 6.07 12.93 -44.61
C LEU A 72 6.55 11.96 -45.69
N ALA A 73 7.33 12.45 -46.65
CA ALA A 73 7.81 11.60 -47.74
C ALA A 73 8.64 10.44 -47.20
N VAL A 74 9.58 10.75 -46.31
CA VAL A 74 10.48 9.73 -45.77
C VAL A 74 9.76 8.76 -44.86
N ARG A 75 8.76 9.26 -44.14
CA ARG A 75 7.94 8.40 -43.30
C ARG A 75 7.24 7.35 -44.18
N GLU A 76 6.73 7.79 -45.33
CA GLU A 76 6.08 6.88 -46.27
C GLU A 76 7.05 5.78 -46.74
N ASP A 77 8.28 6.15 -47.08
CA ASP A 77 9.29 5.16 -47.52
C ASP A 77 9.53 4.15 -46.42
N ILE A 78 9.60 4.63 -45.17
CA ILE A 78 9.88 3.74 -44.06
C ILE A 78 8.71 2.81 -43.80
N ALA A 79 7.49 3.36 -43.75
CA ALA A 79 6.28 2.56 -43.57
C ALA A 79 6.18 1.44 -44.61
N GLU A 80 6.37 1.80 -45.88
CA GLU A 80 6.27 0.80 -46.95
C GLU A 80 7.34 -0.26 -46.87
N SER A 81 8.54 0.11 -46.41
CA SER A 81 9.64 -0.86 -46.34
C SER A 81 9.60 -1.74 -45.08
N VAL A 82 8.67 -1.44 -44.16
CA VAL A 82 8.60 -2.13 -42.86
C VAL A 82 7.25 -2.76 -42.47
N LEU A 83 6.12 -2.12 -42.83
CA LEU A 83 4.80 -2.56 -42.32
C LEU A 83 4.45 -4.04 -42.51
N ASP A 84 4.77 -4.59 -43.67
CA ASP A 84 4.36 -5.96 -43.98
C ASP A 84 5.18 -7.02 -43.27
N PHE A 85 6.32 -6.63 -42.72
CA PHE A 85 7.15 -7.56 -41.92
C PHE A 85 6.80 -7.57 -40.43
N LEU A 86 6.06 -6.57 -39.98
CA LEU A 86 5.79 -6.38 -38.57
C LEU A 86 4.96 -7.49 -37.89
N PRO A 87 3.89 -7.96 -38.54
CA PRO A 87 3.12 -9.06 -37.97
C PRO A 87 3.99 -10.30 -37.73
N GLY A 88 4.76 -10.69 -38.74
CA GLY A 88 5.64 -11.86 -38.63
C GLY A 88 6.74 -11.68 -37.60
N MET A 89 7.43 -10.55 -37.63
CA MET A 89 8.57 -10.31 -36.73
C MET A 89 8.14 -10.22 -35.28
N THR A 90 6.95 -9.65 -35.06
CA THR A 90 6.39 -9.53 -33.72
C THR A 90 6.03 -10.90 -33.17
N ARG A 91 5.45 -11.75 -34.02
CA ARG A 91 5.14 -13.12 -33.59
C ARG A 91 6.39 -13.87 -33.15
N ASN A 92 7.47 -13.71 -33.91
CA ASN A 92 8.75 -14.33 -33.53
C ASN A 92 9.33 -13.72 -32.25
N SER A 93 9.14 -12.42 -32.09
CA SER A 93 9.61 -11.73 -30.91
C SER A 93 8.81 -12.18 -29.69
N LEU A 94 7.50 -12.37 -29.85
CA LEU A 94 6.63 -12.85 -28.78
C LEU A 94 7.01 -14.29 -28.39
N ALA A 95 7.30 -15.11 -29.39
CA ALA A 95 7.79 -16.46 -29.15
C ALA A 95 9.09 -16.45 -28.35
N GLU A 96 10.00 -15.53 -28.66
CA GLU A 96 11.26 -15.43 -27.91
C GLU A 96 10.98 -15.02 -26.47
N SER A 97 10.05 -14.08 -26.33
CA SER A 97 9.58 -13.61 -25.04
C SER A 97 9.06 -14.72 -24.15
N ASN A 98 8.13 -15.54 -24.67
CA ASN A 98 7.61 -16.71 -23.93
C ASN A 98 8.73 -17.67 -23.51
N ILE A 99 9.68 -17.89 -24.40
CA ILE A 99 10.83 -18.73 -24.09
C ILE A 99 11.64 -18.10 -22.94
N ALA A 100 11.90 -16.80 -23.04
CA ALA A 100 12.77 -16.16 -22.05
C ALA A 100 12.10 -16.20 -20.68
N HIS A 101 10.79 -15.98 -20.66
CA HIS A 101 10.03 -15.96 -19.40
C HIS A 101 9.82 -17.37 -18.83
N ARG A 102 9.50 -18.31 -19.70
CA ARG A 102 9.50 -19.69 -19.27
C ARG A 102 10.89 -20.10 -18.71
N ARG A 103 11.99 -19.69 -19.36
CA ARG A 103 13.35 -20.00 -18.86
C ARG A 103 13.57 -19.44 -17.45
N HIS A 104 13.02 -18.26 -17.20
CA HIS A 104 13.10 -17.60 -15.91
C HIS A 104 12.36 -18.48 -14.92
N LEU A 105 11.19 -18.98 -15.33
CA LEU A 105 10.41 -19.92 -14.51
C LEU A 105 11.20 -21.16 -14.16
N LEU A 106 11.94 -21.70 -15.13
CA LEU A 106 12.75 -22.87 -14.88
C LEU A 106 13.85 -22.55 -13.90
N GLU A 107 14.38 -21.33 -13.95
CA GLU A 107 15.37 -20.93 -12.97
C GLU A 107 14.77 -21.01 -11.55
N ARG A 108 13.51 -20.61 -11.41
CA ARG A 108 12.84 -20.64 -10.11
C ARG A 108 12.60 -22.09 -9.68
N LEU A 109 11.88 -22.81 -10.53
CA LEU A 109 11.59 -24.23 -10.35
C LEU A 109 12.82 -25.00 -9.90
N THR A 110 13.95 -24.72 -10.54
CA THR A 110 15.21 -25.39 -10.22
C THR A 110 15.68 -25.13 -8.79
N ARG A 111 15.53 -23.90 -8.32
CA ARG A 111 15.87 -23.55 -6.95
C ARG A 111 14.90 -24.22 -5.97
N THR A 112 13.63 -24.32 -6.35
CA THR A 112 12.62 -24.95 -5.50
C THR A 112 12.89 -26.45 -5.36
N VAL A 113 13.37 -27.07 -6.44
CA VAL A 113 13.76 -28.47 -6.39
C VAL A 113 14.92 -28.71 -5.42
N ALA A 114 15.90 -27.81 -5.39
CA ALA A 114 17.01 -27.95 -4.43
C ALA A 114 16.50 -27.76 -2.99
N GLU A 115 15.57 -26.81 -2.84
CA GLU A 115 14.93 -26.56 -1.56
C GLU A 115 14.16 -27.78 -1.04
N VAL A 116 13.37 -28.43 -1.90
CA VAL A 116 12.60 -29.60 -1.47
C VAL A 116 13.53 -30.77 -1.21
N ASP A 117 14.49 -30.97 -2.11
CA ASP A 117 15.42 -32.09 -2.07
C ASP A 117 16.36 -32.04 -0.85
N ASN A 118 16.70 -30.85 -0.36
CA ASN A 118 17.66 -30.67 0.76
C ASN A 118 17.02 -29.94 1.97
N PHE A 119 15.69 -30.06 2.08
CA PHE A 119 14.85 -29.25 2.99
C PHE A 119 15.35 -29.12 4.44
N PRO A 120 15.37 -27.89 5.00
CA PRO A 120 15.10 -26.57 4.36
C PRO A 120 16.33 -25.96 3.64
N SER A 121 16.35 -26.03 2.31
CA SER A 121 17.46 -25.52 1.49
C SER A 121 18.78 -26.25 1.75
N GLN B 2 -19.69 -5.93 35.43
CA GLN B 2 -19.09 -6.77 34.36
C GLN B 2 -18.72 -5.97 33.09
N THR B 3 -19.72 -5.33 32.48
CA THR B 3 -19.58 -4.60 31.21
C THR B 3 -18.46 -3.56 31.25
N LYS B 4 -18.43 -2.76 32.32
CA LYS B 4 -17.42 -1.72 32.46
C LYS B 4 -16.04 -2.39 32.49
N HIS B 5 -15.94 -3.44 33.31
CA HIS B 5 -14.69 -4.13 33.49
C HIS B 5 -14.20 -4.79 32.23
N ILE B 6 -15.12 -5.33 31.42
CA ILE B 6 -14.73 -5.95 30.16
C ILE B 6 -14.27 -4.90 29.16
N ALA B 7 -15.00 -3.80 29.10
CA ALA B 7 -14.62 -2.67 28.27
C ALA B 7 -13.19 -2.20 28.60
N GLN B 8 -12.91 -1.98 29.88
CA GLN B 8 -11.57 -1.50 30.32
C GLN B 8 -10.49 -2.49 29.93
N ALA B 9 -10.78 -3.78 30.13
CA ALA B 9 -9.85 -4.85 29.81
C ALA B 9 -9.55 -4.87 28.31
N THR B 10 -10.60 -4.63 27.52
CA THR B 10 -10.52 -4.64 26.06
C THR B 10 -9.72 -3.44 25.55
N VAL B 11 -9.91 -2.29 26.19
CA VAL B 11 -9.14 -1.10 25.87
C VAL B 11 -7.64 -1.34 26.07
N LYS B 12 -7.26 -2.06 27.15
CA LYS B 12 -5.82 -2.35 27.39
C LYS B 12 -5.21 -3.21 26.31
N VAL B 13 -5.91 -4.28 25.97
CA VAL B 13 -5.51 -5.13 24.86
C VAL B 13 -5.38 -4.32 23.56
N LEU B 14 -6.31 -3.43 23.30
CA LEU B 14 -6.35 -2.65 22.05
C LEU B 14 -5.14 -1.70 21.99
N GLN B 15 -4.91 -1.02 23.10
CA GLN B 15 -3.84 -0.08 23.19
C GLN B 15 -2.51 -0.79 23.05
N SER B 16 -2.36 -1.92 23.70
CA SER B 16 -1.14 -2.69 23.53
C SER B 16 -0.94 -3.11 22.07
N TYR B 17 -2.00 -3.53 21.40
CA TYR B 17 -1.87 -3.91 20.01
C TYR B 17 -1.44 -2.72 19.17
N LEU B 18 -2.03 -1.53 19.38
CA LEU B 18 -1.60 -0.33 18.68
C LEU B 18 -0.15 0.03 18.98
N THR B 19 0.30 -0.19 20.20
CA THR B 19 1.72 -0.02 20.58
C THR B 19 2.63 -0.88 19.70
N TYR B 20 2.29 -2.15 19.57
CA TYR B 20 3.06 -3.08 18.71
C TYR B 20 3.07 -2.64 17.26
N GLN B 21 1.91 -2.21 16.80
CA GLN B 21 1.76 -1.73 15.44
C GLN B 21 2.66 -0.51 15.20
N ALA B 22 2.73 0.35 16.21
CA ALA B 22 3.61 1.52 16.17
C ALA B 22 5.08 1.09 16.17
N VAL B 23 5.43 0.08 16.95
CA VAL B 23 6.81 -0.42 17.00
C VAL B 23 7.23 -0.98 15.63
N LEU B 24 6.35 -1.73 14.96
CA LEU B 24 6.64 -2.21 13.61
C LEU B 24 6.94 -1.07 12.63
N ARG B 25 6.07 -0.05 12.59
CA ARG B 25 6.30 1.10 11.72
C ARG B 25 7.72 1.66 11.96
N ILE B 26 8.10 1.79 13.22
CA ILE B 26 9.38 2.35 13.59
C ILE B 26 10.51 1.38 13.25
N GLN B 27 10.28 0.07 13.35
CA GLN B 27 11.31 -0.86 12.87
C GLN B 27 11.60 -0.57 11.40
N SER B 28 10.55 -0.34 10.61
CA SER B 28 10.68 0.00 9.19
C SER B 28 11.48 1.28 9.02
N GLU B 29 11.00 2.37 9.60
CA GLU B 29 11.65 3.68 9.45
C GLU B 29 13.13 3.65 9.80
N LEU B 30 13.47 2.99 10.90
CA LEU B 30 14.88 2.87 11.30
C LEU B 30 15.65 1.95 10.34
N GLY B 31 14.94 1.01 9.72
CA GLY B 31 15.52 0.12 8.72
C GLY B 31 16.02 0.84 7.47
N GLU B 32 15.76 2.14 7.39
CA GLU B 32 16.39 3.02 6.39
C GLU B 32 17.30 4.03 7.09
N THR B 33 16.71 4.86 7.94
CA THR B 33 17.44 5.94 8.61
C THR B 33 18.64 5.48 9.43
N ASN B 34 18.39 4.78 10.54
CA ASN B 34 19.44 4.44 11.49
C ASN B 34 19.46 2.93 11.81
N PRO B 35 20.02 2.11 10.89
CA PRO B 35 20.08 0.65 11.11
C PRO B 35 20.73 0.22 12.44
N PRO B 36 21.79 0.93 12.90
CA PRO B 36 22.29 0.73 14.27
C PRO B 36 21.21 0.72 15.37
N GLN B 37 20.23 1.61 15.26
CA GLN B 37 19.11 1.63 16.21
C GLN B 37 18.06 0.57 15.84
N ALA B 38 17.91 0.27 14.55
CA ALA B 38 16.98 -0.76 14.11
C ALA B 38 17.37 -2.13 14.66
N ILE B 39 18.65 -2.47 14.54
CA ILE B 39 19.17 -3.72 15.07
C ILE B 39 18.96 -3.75 16.60
N TRP B 40 19.22 -2.63 17.26
CA TRP B 40 19.07 -2.51 18.71
C TRP B 40 17.63 -2.74 19.17
N LEU B 41 16.70 -2.10 18.49
CA LEU B 41 15.29 -2.27 18.77
C LEU B 41 14.89 -3.74 18.62
N ASN B 42 15.33 -4.40 17.56
CA ASN B 42 15.03 -5.82 17.40
C ASN B 42 15.56 -6.69 18.50
N GLN B 43 16.77 -6.41 18.96
CA GLN B 43 17.33 -7.12 20.07
C GLN B 43 16.56 -6.82 21.34
N TYR B 44 16.13 -5.56 21.50
CA TYR B 44 15.38 -5.18 22.66
C TYR B 44 14.05 -5.91 22.72
N LEU B 45 13.41 -6.02 21.56
CA LEU B 45 12.15 -6.73 21.44
C LEU B 45 12.32 -8.20 21.77
N ALA B 46 13.45 -8.78 21.43
CA ALA B 46 13.68 -10.19 21.65
C ALA B 46 13.64 -10.60 23.11
N SER B 47 13.92 -9.64 24.00
CA SER B 47 14.02 -9.97 25.42
C SER B 47 13.12 -9.11 26.28
N HIS B 48 12.25 -8.32 25.65
CA HIS B 48 11.28 -7.53 26.37
C HIS B 48 9.93 -7.70 25.69
N SER B 49 8.96 -8.13 26.47
CA SER B 49 7.64 -8.42 25.97
C SER B 49 6.91 -7.13 25.66
N ILE B 50 6.15 -7.16 24.58
CA ILE B 50 5.36 -6.03 24.12
C ILE B 50 3.88 -6.34 24.31
N GLN B 51 3.58 -7.38 25.08
CA GLN B 51 2.21 -7.80 25.34
C GLN B 51 1.46 -6.82 26.22
N ASN B 52 2.17 -6.25 27.19
CA ASN B 52 1.67 -5.09 27.91
C ASN B 52 2.40 -3.84 27.39
N GLY B 53 1.76 -3.12 26.48
CA GLY B 53 2.37 -1.94 25.89
C GLY B 53 2.90 -0.96 26.91
N GLU B 54 2.17 -0.76 28.03
CA GLU B 54 2.55 0.29 28.99
C GLU B 54 3.79 -0.09 29.77
N THR B 55 3.85 -1.32 30.25
CA THR B 55 5.04 -1.84 30.93
C THR B 55 6.22 -1.84 29.95
N PHE B 56 5.98 -2.20 28.71
CA PHE B 56 7.03 -2.21 27.70
C PHE B 56 7.61 -0.79 27.52
N LEU B 57 6.72 0.17 27.38
CA LEU B 57 7.12 1.57 27.21
C LEU B 57 7.81 2.13 28.46
N THR B 58 7.29 1.80 29.64
CA THR B 58 7.82 2.29 30.91
C THR B 58 9.24 1.84 31.07
N GLU B 59 9.54 0.58 30.78
CA GLU B 59 10.92 0.08 30.90
C GLU B 59 11.81 0.61 29.78
N LEU B 60 11.26 0.77 28.58
CA LEU B 60 12.04 1.32 27.46
C LEU B 60 12.46 2.77 27.75
N LEU B 61 11.55 3.53 28.34
CA LEU B 61 11.78 4.94 28.66
C LEU B 61 13.05 5.16 29.50
N ASP B 62 13.42 4.20 30.35
CA ASP B 62 14.69 4.25 31.09
C ASP B 62 15.91 3.89 30.26
N GLU B 63 15.69 3.34 29.08
CA GLU B 63 16.77 2.81 28.25
C GLU B 63 16.97 3.64 27.00
N ASN B 64 15.87 4.10 26.39
CA ASN B 64 15.98 4.90 25.18
C ASN B 64 14.78 5.80 25.06
N LYS B 65 14.84 6.94 25.74
CA LYS B 65 13.68 7.84 25.81
C LYS B 65 13.23 8.28 24.43
N GLU B 66 14.18 8.52 23.53
CA GLU B 66 13.84 8.95 22.16
C GLU B 66 12.92 7.96 21.46
N LEU B 67 13.24 6.67 21.54
CA LEU B 67 12.39 5.65 20.93
C LEU B 67 10.96 5.73 21.46
N VAL B 68 10.82 5.81 22.78
CA VAL B 68 9.51 5.86 23.39
C VAL B 68 8.69 7.02 22.89
N LEU B 69 9.30 8.20 22.80
CA LEU B 69 8.57 9.35 22.29
C LEU B 69 8.13 9.15 20.85
N ARG B 70 9.02 8.61 20.03
CA ARG B 70 8.68 8.30 18.63
C ARG B 70 7.53 7.26 18.59
N ILE B 71 7.59 6.27 19.48
CA ILE B 71 6.54 5.26 19.57
C ILE B 71 5.21 5.89 20.00
N LEU B 72 5.24 6.75 21.02
CA LEU B 72 4.03 7.42 21.47
C LEU B 72 3.40 8.25 20.37
N ALA B 73 4.23 8.92 19.55
CA ALA B 73 3.69 9.79 18.50
C ALA B 73 3.07 8.99 17.37
N VAL B 74 3.75 7.92 16.95
CA VAL B 74 3.25 7.10 15.87
C VAL B 74 2.00 6.34 16.31
N ARG B 75 1.96 5.94 17.57
CA ARG B 75 0.79 5.22 18.11
C ARG B 75 -0.43 6.12 18.09
N GLU B 76 -0.22 7.41 18.34
CA GLU B 76 -1.29 8.41 18.24
C GLU B 76 -1.82 8.54 16.82
N ASP B 77 -0.92 8.53 15.84
CA ASP B 77 -1.34 8.64 14.45
C ASP B 77 -2.12 7.37 14.05
N ILE B 78 -1.65 6.20 14.51
CA ILE B 78 -2.32 4.98 14.13
C ILE B 78 -3.72 5.01 14.74
N ALA B 79 -3.76 5.27 16.05
CA ALA B 79 -5.04 5.29 16.81
C ALA B 79 -6.04 6.12 16.14
N GLU B 80 -5.64 7.36 15.85
CA GLU B 80 -6.58 8.33 15.27
C GLU B 80 -7.02 7.92 13.87
N SER B 81 -6.10 7.37 13.05
CA SER B 81 -6.51 6.89 11.73
C SER B 81 -7.48 5.68 11.75
N VAL B 82 -7.52 4.96 12.88
CA VAL B 82 -8.20 3.68 12.97
C VAL B 82 -9.44 3.63 13.91
N LEU B 83 -9.34 4.25 15.09
CA LEU B 83 -10.31 4.00 16.20
C LEU B 83 -11.76 4.05 15.83
N ASP B 84 -12.11 5.06 15.09
CA ASP B 84 -13.49 5.39 14.74
C ASP B 84 -14.10 4.42 13.74
N PHE B 85 -13.28 3.57 13.12
CA PHE B 85 -13.76 2.58 12.18
C PHE B 85 -13.99 1.23 12.85
N LEU B 86 -13.36 1.03 14.01
CA LEU B 86 -13.41 -0.28 14.63
C LEU B 86 -14.80 -0.77 15.04
N PRO B 87 -15.65 0.09 15.61
CA PRO B 87 -16.94 -0.44 15.96
C PRO B 87 -17.68 -1.06 14.75
N GLY B 88 -17.84 -0.24 13.67
CA GLY B 88 -18.46 -0.72 12.43
C GLY B 88 -17.77 -1.94 11.81
N MET B 89 -16.45 -1.86 11.60
CA MET B 89 -15.73 -2.91 10.93
C MET B 89 -15.86 -4.21 11.73
N THR B 90 -15.80 -4.10 13.06
CA THR B 90 -15.94 -5.27 13.92
C THR B 90 -17.36 -5.83 13.84
N ARG B 91 -18.38 -4.98 13.80
CA ARG B 91 -19.75 -5.50 13.65
C ARG B 91 -19.91 -6.29 12.35
N ASN B 92 -19.37 -5.73 11.26
CA ASN B 92 -19.39 -6.39 9.95
C ASN B 92 -18.70 -7.74 10.00
N SER B 93 -17.55 -7.78 10.65
CA SER B 93 -16.78 -9.02 10.76
C SER B 93 -17.51 -10.05 11.63
N LEU B 94 -18.14 -9.60 12.71
CA LEU B 94 -18.93 -10.47 13.57
C LEU B 94 -20.11 -11.05 12.82
N ALA B 95 -20.80 -10.22 12.03
CA ALA B 95 -21.98 -10.70 11.31
C ALA B 95 -21.54 -11.80 10.34
N GLU B 96 -20.43 -11.54 9.64
CA GLU B 96 -19.88 -12.48 8.67
C GLU B 96 -19.42 -13.76 9.36
N SER B 97 -18.81 -13.61 10.54
CA SER B 97 -18.37 -14.78 11.31
C SER B 97 -19.57 -15.67 11.60
N ASN B 98 -20.61 -15.07 12.16
CA ASN B 98 -21.81 -15.78 12.51
C ASN B 98 -22.42 -16.56 11.35
N ILE B 99 -22.50 -15.93 10.17
CA ILE B 99 -23.09 -16.57 9.00
C ILE B 99 -22.26 -17.75 8.60
N ALA B 100 -20.94 -17.63 8.70
CA ALA B 100 -20.00 -18.68 8.33
C ALA B 100 -20.13 -19.88 9.23
N HIS B 101 -20.10 -19.67 10.55
CA HIS B 101 -20.18 -20.80 11.47
C HIS B 101 -21.54 -21.47 11.39
N ARG B 102 -22.55 -20.68 11.12
CA ARG B 102 -23.92 -21.18 11.01
C ARG B 102 -24.04 -22.08 9.78
N ARG B 103 -23.44 -21.65 8.67
CA ARG B 103 -23.41 -22.45 7.44
C ARG B 103 -22.65 -23.75 7.65
N HIS B 104 -21.50 -23.68 8.31
CA HIS B 104 -20.71 -24.89 8.54
C HIS B 104 -21.48 -25.87 9.42
N LEU B 105 -22.17 -25.32 10.41
CA LEU B 105 -22.94 -26.09 11.36
C LEU B 105 -24.07 -26.84 10.65
N LEU B 106 -24.75 -26.15 9.74
CA LEU B 106 -25.82 -26.74 8.92
C LEU B 106 -25.33 -27.81 7.96
N GLU B 107 -24.19 -27.58 7.32
CA GLU B 107 -23.62 -28.58 6.41
C GLU B 107 -23.43 -29.86 7.21
N ARG B 108 -22.90 -29.73 8.41
CA ARG B 108 -22.65 -30.86 9.31
C ARG B 108 -23.92 -31.64 9.65
N LEU B 109 -24.93 -30.96 10.17
CA LEU B 109 -26.18 -31.63 10.51
C LEU B 109 -26.83 -32.26 9.29
N THR B 110 -26.71 -31.58 8.16
CA THR B 110 -27.34 -32.06 6.93
C THR B 110 -26.71 -33.36 6.50
N ARG B 111 -25.38 -33.40 6.45
CA ARG B 111 -24.67 -34.67 6.15
C ARG B 111 -24.99 -35.72 7.20
N THR B 112 -24.94 -35.32 8.47
CA THR B 112 -25.17 -36.24 9.56
C THR B 112 -26.63 -36.69 9.70
N VAL B 113 -27.54 -36.04 8.97
CA VAL B 113 -28.94 -36.46 8.90
C VAL B 113 -29.28 -37.15 7.56
N ALA B 114 -28.52 -36.85 6.50
CA ALA B 114 -28.82 -37.34 5.15
C ALA B 114 -28.50 -38.83 4.94
N GLU B 115 -27.32 -39.27 5.37
CA GLU B 115 -26.87 -40.66 5.17
C GLU B 115 -27.13 -41.12 3.73
N GLN C 2 -1.51 1.63 4.28
CA GLN C 2 -1.28 0.71 5.44
C GLN C 2 -2.44 0.73 6.43
N THR C 3 -3.07 1.90 6.59
CA THR C 3 -4.11 2.12 7.59
C THR C 3 -5.23 1.08 7.55
N LYS C 4 -5.69 0.72 6.36
CA LYS C 4 -6.77 -0.23 6.22
C LYS C 4 -6.33 -1.60 6.76
N HIS C 5 -5.10 -2.00 6.43
CA HIS C 5 -4.59 -3.29 6.87
C HIS C 5 -4.46 -3.36 8.39
N ILE C 6 -4.09 -2.26 9.01
CA ILE C 6 -3.95 -2.23 10.46
C ILE C 6 -5.32 -2.33 11.12
N ALA C 7 -6.29 -1.60 10.58
CA ALA C 7 -7.68 -1.69 11.03
C ALA C 7 -8.19 -3.13 10.91
N GLN C 8 -7.96 -3.74 9.76
CA GLN C 8 -8.42 -5.10 9.51
C GLN C 8 -7.82 -6.07 10.53
N ALA C 9 -6.51 -5.91 10.78
CA ALA C 9 -5.81 -6.78 11.73
C ALA C 9 -6.28 -6.54 13.16
N THR C 10 -6.50 -5.27 13.50
CA THR C 10 -7.00 -4.90 14.83
C THR C 10 -8.38 -5.48 15.07
N VAL C 11 -9.23 -5.50 14.04
CA VAL C 11 -10.54 -6.12 14.14
C VAL C 11 -10.42 -7.61 14.54
N LYS C 12 -9.57 -8.36 13.86
CA LYS C 12 -9.36 -9.78 14.21
C LYS C 12 -8.94 -9.98 15.66
N VAL C 13 -8.06 -9.12 16.16
CA VAL C 13 -7.65 -9.18 17.55
C VAL C 13 -8.84 -8.91 18.48
N LEU C 14 -9.63 -7.88 18.20
CA LEU C 14 -10.79 -7.60 19.03
C LEU C 14 -11.80 -8.75 19.03
N GLN C 15 -12.11 -9.23 17.84
CA GLN C 15 -13.08 -10.30 17.68
C GLN C 15 -12.64 -11.51 18.51
N SER C 16 -11.39 -11.93 18.40
CA SER C 16 -10.90 -13.03 19.21
C SER C 16 -10.95 -12.73 20.70
N TYR C 17 -10.58 -11.53 21.11
CA TYR C 17 -10.65 -11.20 22.52
C TYR C 17 -12.09 -11.32 23.00
N LEU C 18 -13.03 -10.82 22.21
CA LEU C 18 -14.45 -10.90 22.54
C LEU C 18 -14.95 -12.34 22.58
N THR C 19 -14.40 -13.22 21.75
CA THR C 19 -14.84 -14.60 21.84
C THR C 19 -14.29 -15.27 23.10
N TYR C 20 -13.07 -14.93 23.51
CA TYR C 20 -12.53 -15.37 24.79
C TYR C 20 -13.45 -14.96 25.93
N GLN C 21 -13.83 -13.68 25.94
CA GLN C 21 -14.73 -13.14 26.99
C GLN C 21 -16.05 -13.91 27.02
N ALA C 22 -16.55 -14.25 25.85
CA ALA C 22 -17.81 -15.00 25.73
C ALA C 22 -17.62 -16.39 26.29
N VAL C 23 -16.53 -17.03 25.93
CA VAL C 23 -16.28 -18.36 26.46
C VAL C 23 -16.27 -18.34 28.00
N LEU C 24 -15.60 -17.35 28.60
CA LEU C 24 -15.56 -17.26 30.06
C LEU C 24 -16.95 -17.03 30.67
N ARG C 25 -17.75 -16.15 30.08
CA ARG C 25 -19.09 -15.92 30.62
C ARG C 25 -19.91 -17.20 30.56
N ILE C 26 -19.84 -17.89 29.43
CA ILE C 26 -20.53 -19.15 29.27
C ILE C 26 -20.09 -20.16 30.30
N GLN C 27 -18.78 -20.27 30.53
CA GLN C 27 -18.30 -21.32 31.45
C GLN C 27 -18.75 -21.02 32.87
N SER C 28 -18.87 -19.73 33.22
CA SER C 28 -19.37 -19.38 34.54
C SER C 28 -20.87 -19.71 34.68
N GLU C 29 -21.66 -19.44 33.66
CA GLU C 29 -23.11 -19.75 33.68
C GLU C 29 -23.32 -21.25 33.81
N LEU C 30 -22.48 -22.04 33.13
CA LEU C 30 -22.53 -23.50 33.23
C LEU C 30 -22.18 -23.96 34.63
N GLY C 31 -21.40 -23.15 35.36
CA GLY C 31 -21.02 -23.42 36.74
C GLY C 31 -22.16 -23.84 37.66
N GLU C 32 -23.31 -23.19 37.52
CA GLU C 32 -24.51 -23.60 38.28
C GLU C 32 -25.49 -24.46 37.47
N THR C 33 -25.54 -24.24 36.16
CA THR C 33 -26.49 -24.94 35.30
C THR C 33 -26.09 -26.39 34.97
N ASN C 34 -24.81 -26.64 34.77
CA ASN C 34 -24.36 -27.97 34.36
C ASN C 34 -22.88 -28.15 34.68
N PRO C 35 -22.56 -28.30 35.97
CA PRO C 35 -21.17 -28.33 36.45
C PRO C 35 -20.22 -29.29 35.70
N PRO C 36 -20.73 -30.47 35.28
CA PRO C 36 -19.90 -31.30 34.39
C PRO C 36 -19.51 -30.61 33.09
N GLN C 37 -20.44 -29.88 32.48
CA GLN C 37 -20.12 -29.20 31.23
C GLN C 37 -19.20 -28.02 31.49
N ALA C 38 -19.29 -27.41 32.67
CA ALA C 38 -18.40 -26.32 33.03
C ALA C 38 -16.95 -26.79 33.19
N ILE C 39 -16.72 -27.95 33.81
CA ILE C 39 -15.35 -28.46 33.91
C ILE C 39 -14.84 -28.91 32.54
N TRP C 40 -15.72 -29.53 31.73
CA TRP C 40 -15.38 -29.92 30.37
C TRP C 40 -14.91 -28.73 29.51
N LEU C 41 -15.61 -27.61 29.58
CA LEU C 41 -15.28 -26.45 28.73
C LEU C 41 -13.94 -25.88 29.18
N ASN C 42 -13.81 -25.79 30.49
CA ASN C 42 -12.60 -25.33 31.12
C ASN C 42 -11.38 -26.11 30.63
N GLN C 43 -11.47 -27.44 30.67
CA GLN C 43 -10.37 -28.32 30.23
C GLN C 43 -10.16 -28.23 28.70
N TYR C 44 -11.23 -28.03 27.95
CA TYR C 44 -11.12 -27.83 26.52
C TYR C 44 -10.33 -26.54 26.24
N LEU C 45 -10.66 -25.49 26.97
CA LEU C 45 -9.99 -24.20 26.86
C LEU C 45 -8.51 -24.37 27.15
N ALA C 46 -8.19 -25.12 28.20
CA ALA C 46 -6.81 -25.38 28.58
C ALA C 46 -5.95 -26.00 27.47
N SER C 47 -6.56 -26.87 26.67
CA SER C 47 -5.80 -27.60 25.65
C SER C 47 -6.04 -27.07 24.23
N HIS C 48 -6.92 -26.08 24.05
CA HIS C 48 -7.14 -25.50 22.73
C HIS C 48 -6.96 -23.98 22.77
N SER C 49 -6.07 -23.49 21.91
CA SER C 49 -5.77 -22.06 21.81
C SER C 49 -6.98 -21.26 21.38
N ILE C 50 -7.18 -20.11 22.03
CA ILE C 50 -8.26 -19.21 21.70
C ILE C 50 -7.72 -17.89 21.14
N GLN C 51 -6.43 -17.88 20.80
CA GLN C 51 -5.77 -16.69 20.28
C GLN C 51 -6.30 -16.32 18.89
N ASN C 52 -6.82 -17.32 18.19
CA ASN C 52 -7.64 -17.08 17.03
C ASN C 52 -9.02 -17.64 17.36
N GLY C 53 -9.96 -16.74 17.65
CA GLY C 53 -11.29 -17.14 18.07
C GLY C 53 -12.06 -17.90 17.01
N GLU C 54 -11.77 -17.62 15.73
CA GLU C 54 -12.51 -18.22 14.62
C GLU C 54 -12.18 -19.71 14.48
N THR C 55 -10.89 -20.05 14.44
CA THR C 55 -10.47 -21.44 14.35
C THR C 55 -10.84 -22.18 15.63
N PHE C 56 -10.82 -21.47 16.77
CA PHE C 56 -11.25 -22.07 18.04
C PHE C 56 -12.69 -22.54 17.91
N LEU C 57 -13.56 -21.70 17.38
CA LEU C 57 -14.97 -22.03 17.23
C LEU C 57 -15.19 -23.13 16.20
N THR C 58 -14.41 -23.08 15.13
CA THR C 58 -14.51 -24.06 14.06
C THR C 58 -14.16 -25.46 14.55
N GLU C 59 -13.12 -25.59 15.35
CA GLU C 59 -12.76 -26.88 15.92
C GLU C 59 -13.77 -27.34 16.96
N LEU C 60 -14.29 -26.40 17.74
CA LEU C 60 -15.32 -26.72 18.74
C LEU C 60 -16.57 -27.35 18.09
N LEU C 61 -16.92 -26.92 16.87
CA LEU C 61 -18.07 -27.48 16.13
C LEU C 61 -18.10 -29.01 16.07
N ASP C 62 -16.94 -29.65 15.92
CA ASP C 62 -16.85 -31.11 15.91
C ASP C 62 -17.22 -31.75 17.23
N GLU C 63 -17.10 -31.00 18.33
CA GLU C 63 -17.42 -31.54 19.64
C GLU C 63 -18.79 -31.10 20.11
N ASN C 64 -19.19 -29.86 19.85
CA ASN C 64 -20.46 -29.35 20.41
C ASN C 64 -21.06 -28.17 19.67
N LYS C 65 -21.99 -28.47 18.77
CA LYS C 65 -22.61 -27.45 17.93
C LYS C 65 -23.38 -26.39 18.74
N GLU C 66 -24.17 -26.84 19.71
CA GLU C 66 -24.97 -25.97 20.57
C GLU C 66 -24.09 -24.94 21.29
N LEU C 67 -22.93 -25.39 21.74
CA LEU C 67 -22.06 -24.58 22.57
C LEU C 67 -21.46 -23.46 21.72
N VAL C 68 -21.07 -23.80 20.49
CA VAL C 68 -20.58 -22.79 19.57
C VAL C 68 -21.62 -21.69 19.41
N LEU C 69 -22.87 -22.06 19.14
CA LEU C 69 -23.92 -21.06 18.98
C LEU C 69 -24.13 -20.24 20.26
N ARG C 70 -24.04 -20.89 21.41
CA ARG C 70 -24.18 -20.20 22.68
C ARG C 70 -23.06 -19.16 22.77
N ILE C 71 -21.86 -19.52 22.33
CA ILE C 71 -20.70 -18.64 22.42
C ILE C 71 -20.86 -17.47 21.46
N LEU C 72 -21.31 -17.76 20.25
CA LEU C 72 -21.56 -16.71 19.27
C LEU C 72 -22.56 -15.68 19.77
N ALA C 73 -23.65 -16.16 20.35
CA ALA C 73 -24.72 -15.26 20.76
C ALA C 73 -24.24 -14.37 21.89
N VAL C 74 -23.54 -14.96 22.85
CA VAL C 74 -23.02 -14.21 24.00
C VAL C 74 -21.93 -13.23 23.55
N ARG C 75 -21.17 -13.64 22.55
CA ARG C 75 -20.15 -12.76 22.00
C ARG C 75 -20.82 -11.53 21.40
N GLU C 76 -21.97 -11.70 20.77
CA GLU C 76 -22.70 -10.53 20.25
C GLU C 76 -23.13 -9.63 21.41
N ASP C 77 -23.69 -10.22 22.47
CA ASP C 77 -24.08 -9.43 23.65
C ASP C 77 -22.92 -8.55 24.15
N ILE C 78 -21.74 -9.15 24.29
CA ILE C 78 -20.64 -8.43 24.88
C ILE C 78 -20.20 -7.35 23.90
N ALA C 79 -20.08 -7.69 22.63
CA ALA C 79 -19.66 -6.74 21.63
C ALA C 79 -20.61 -5.52 21.62
N GLU C 80 -21.89 -5.76 21.50
CA GLU C 80 -22.81 -4.61 21.45
C GLU C 80 -22.75 -3.76 22.72
N SER C 81 -22.47 -4.38 23.85
CA SER C 81 -22.43 -3.63 25.12
C SER C 81 -21.15 -2.79 25.21
N VAL C 82 -20.16 -3.11 24.38
CA VAL C 82 -18.83 -2.53 24.53
C VAL C 82 -18.28 -1.72 23.33
N LEU C 83 -18.52 -2.18 22.10
CA LEU C 83 -17.89 -1.59 20.90
C LEU C 83 -17.90 -0.08 20.78
N ASP C 84 -19.02 0.53 21.09
CA ASP C 84 -19.17 1.98 20.86
C ASP C 84 -18.41 2.82 21.86
N PHE C 85 -18.01 2.19 22.97
CA PHE C 85 -17.29 2.89 24.01
C PHE C 85 -15.80 2.89 23.73
N LEU C 86 -15.34 2.01 22.84
CA LEU C 86 -13.93 1.78 22.69
C LEU C 86 -13.13 2.96 22.10
N PRO C 87 -13.67 3.64 21.09
CA PRO C 87 -12.97 4.83 20.58
C PRO C 87 -12.70 5.87 21.66
N GLY C 88 -13.74 6.22 22.42
CA GLY C 88 -13.63 7.25 23.46
C GLY C 88 -12.73 6.80 24.61
N MET C 89 -12.95 5.58 25.09
CA MET C 89 -12.20 5.08 26.24
C MET C 89 -10.77 4.87 25.90
N THR C 90 -10.50 4.48 24.65
CA THR C 90 -9.13 4.30 24.20
C THR C 90 -8.41 5.65 24.11
N ARG C 91 -9.10 6.69 23.66
CA ARG C 91 -8.50 8.03 23.62
C ARG C 91 -8.16 8.52 25.02
N ASN C 92 -9.08 8.30 25.97
CA ASN C 92 -8.83 8.63 27.37
C ASN C 92 -7.63 7.90 27.91
N SER C 93 -7.60 6.61 27.64
CA SER C 93 -6.48 5.75 28.06
C SER C 93 -5.16 6.19 27.43
N LEU C 94 -5.17 6.59 26.15
CA LEU C 94 -3.96 7.14 25.53
C LEU C 94 -3.50 8.45 26.19
N ALA C 95 -4.46 9.34 26.49
CA ALA C 95 -4.13 10.61 27.15
C ALA C 95 -3.52 10.30 28.51
N GLU C 96 -4.11 9.32 29.20
CA GLU C 96 -3.60 8.91 30.52
C GLU C 96 -2.20 8.32 30.46
N SER C 97 -1.90 7.58 29.40
CA SER C 97 -0.58 7.01 29.19
C SER C 97 0.46 8.13 28.95
N ASN C 98 0.09 9.14 28.16
CA ASN C 98 0.98 10.30 27.96
C ASN C 98 1.28 11.03 29.26
N ILE C 99 0.26 11.24 30.09
CA ILE C 99 0.50 11.85 31.39
C ILE C 99 1.50 11.03 32.20
N ALA C 100 1.38 9.71 32.21
CA ALA C 100 2.28 8.88 33.04
C ALA C 100 3.71 8.88 32.52
N HIS C 101 3.87 8.77 31.20
CA HIS C 101 5.19 8.77 30.60
C HIS C 101 5.88 10.14 30.71
N ARG C 102 5.10 11.20 30.53
CA ARG C 102 5.59 12.57 30.68
C ARG C 102 6.13 12.78 32.10
N ARG C 103 5.37 12.30 33.07
CA ARG C 103 5.76 12.34 34.49
C ARG C 103 7.07 11.60 34.71
N HIS C 104 7.18 10.43 34.14
CA HIS C 104 8.40 9.62 34.22
C HIS C 104 9.59 10.32 33.54
N LEU C 105 9.38 10.94 32.39
CA LEU C 105 10.44 11.69 31.72
C LEU C 105 10.90 12.83 32.62
N LEU C 106 9.95 13.53 33.26
CA LEU C 106 10.30 14.63 34.15
C LEU C 106 11.13 14.13 35.33
N GLU C 107 10.84 12.93 35.79
CA GLU C 107 11.61 12.35 36.88
C GLU C 107 13.07 12.10 36.43
N ARG C 108 13.27 11.67 35.17
CA ARG C 108 14.62 11.44 34.63
C ARG C 108 15.35 12.77 34.45
N LEU C 109 14.63 13.77 33.93
CA LEU C 109 15.17 15.10 33.74
C LEU C 109 15.68 15.66 35.07
N THR C 110 14.89 15.46 36.11
CA THR C 110 15.18 15.96 37.44
C THR C 110 16.48 15.36 37.95
N ARG C 111 16.67 14.09 37.69
CA ARG C 111 17.90 13.41 38.06
C ARG C 111 19.07 13.95 37.24
N THR C 112 18.86 14.23 35.96
CA THR C 112 19.96 14.82 35.16
C THR C 112 20.35 16.21 35.61
N VAL C 113 19.40 17.02 36.04
CA VAL C 113 19.72 18.34 36.60
C VAL C 113 20.61 18.21 37.85
N ALA C 114 20.34 17.23 38.70
CA ALA C 114 21.16 17.02 39.91
C ALA C 114 22.58 16.59 39.53
N GLU C 115 22.69 15.74 38.53
CA GLU C 115 23.97 15.32 38.00
C GLU C 115 24.73 16.51 37.43
N VAL C 116 24.02 17.38 36.70
CA VAL C 116 24.67 18.61 36.21
C VAL C 116 25.08 19.51 37.37
N ASP C 117 24.17 19.80 38.30
CA ASP C 117 24.50 20.68 39.44
C ASP C 117 25.69 20.14 40.26
N ASN C 118 25.78 18.82 40.41
CA ASN C 118 26.82 18.21 41.26
C ASN C 118 27.92 17.48 40.49
N PHE C 119 28.10 17.83 39.22
CA PHE C 119 28.96 17.08 38.31
C PHE C 119 30.39 16.89 38.86
N PRO C 120 30.94 15.66 38.75
CA PRO C 120 30.38 14.38 38.27
C PRO C 120 29.59 13.54 39.30
N SER C 121 29.43 14.03 40.52
CA SER C 121 28.62 13.33 41.53
C SER C 121 27.13 13.39 41.14
N GLU C 122 26.37 12.42 41.63
CA GLU C 122 24.96 12.27 41.24
C GLU C 122 23.97 13.09 42.08
N THR C 123 24.35 13.40 43.33
CA THR C 123 23.48 14.13 44.26
C THR C 123 24.31 14.92 45.30
N SER C 124 23.63 15.44 46.34
CA SER C 124 24.25 16.25 47.41
C SER C 124 24.53 17.67 46.92
N GLN D 2 18.99 28.54 -24.00
CA GLN D 2 18.93 27.06 -24.21
C GLN D 2 18.31 26.34 -23.01
N THR D 3 18.59 26.85 -21.81
CA THR D 3 18.11 26.27 -20.55
C THR D 3 16.60 26.37 -20.36
N LYS D 4 16.05 27.56 -20.66
CA LYS D 4 14.62 27.85 -20.47
C LYS D 4 13.73 26.84 -21.19
N HIS D 5 14.06 26.54 -22.45
CA HIS D 5 13.24 25.66 -23.29
C HIS D 5 13.27 24.18 -22.86
N ILE D 6 14.41 23.72 -22.33
CA ILE D 6 14.50 22.34 -21.83
C ILE D 6 13.84 22.23 -20.45
N ALA D 7 13.78 23.36 -19.72
CA ALA D 7 13.08 23.43 -18.45
C ALA D 7 11.57 23.42 -18.67
N GLN D 8 11.09 24.23 -19.62
CA GLN D 8 9.68 24.24 -20.04
C GLN D 8 9.25 22.88 -20.61
N ALA D 9 10.17 22.22 -21.32
CA ALA D 9 9.93 20.89 -21.88
C ALA D 9 9.85 19.82 -20.80
N THR D 10 10.74 19.91 -19.80
CA THR D 10 10.75 18.98 -18.66
C THR D 10 9.47 19.09 -17.82
N VAL D 11 9.03 20.32 -17.58
CA VAL D 11 7.81 20.60 -16.80
C VAL D 11 6.58 19.92 -17.43
N LYS D 12 6.41 20.10 -18.74
CA LYS D 12 5.33 19.46 -19.51
C LYS D 12 5.31 17.94 -19.29
N VAL D 13 6.48 17.31 -19.41
CA VAL D 13 6.64 15.88 -19.18
C VAL D 13 6.35 15.48 -17.73
N LEU D 14 6.80 16.29 -16.78
CA LEU D 14 6.56 16.03 -15.35
C LEU D 14 5.07 16.13 -15.04
N GLN D 15 4.43 17.16 -15.60
CA GLN D 15 2.99 17.39 -15.41
C GLN D 15 2.14 16.26 -16.02
N SER D 16 2.54 15.76 -17.19
CA SER D 16 1.84 14.64 -17.82
C SER D 16 1.95 13.37 -16.98
N TYR D 17 3.13 13.16 -16.40
CA TYR D 17 3.38 12.01 -15.53
C TYR D 17 2.56 12.07 -14.25
N LEU D 18 2.45 13.27 -13.68
CA LEU D 18 1.66 13.45 -12.46
C LEU D 18 0.15 13.25 -12.70
N THR D 19 -0.33 13.49 -13.93
CA THR D 19 -1.74 13.24 -14.25
C THR D 19 -2.01 11.74 -14.28
N TYR D 20 -1.17 11.00 -15.01
CA TYR D 20 -1.22 9.52 -15.05
C TYR D 20 -1.35 8.97 -13.63
N GLN D 21 -0.54 9.50 -12.72
CA GLN D 21 -0.58 9.07 -11.34
C GLN D 21 -1.95 9.35 -10.71
N ALA D 22 -2.45 10.57 -10.92
CA ALA D 22 -3.78 10.96 -10.46
C ALA D 22 -4.82 9.95 -10.92
N VAL D 23 -4.79 9.61 -12.22
CA VAL D 23 -5.71 8.62 -12.77
C VAL D 23 -5.53 7.24 -12.11
N LEU D 24 -4.28 6.77 -12.01
CA LEU D 24 -3.98 5.48 -11.36
C LEU D 24 -4.50 5.40 -9.91
N ARG D 25 -4.32 6.47 -9.15
CA ARG D 25 -4.85 6.54 -7.79
C ARG D 25 -6.37 6.59 -7.78
N ILE D 26 -6.95 7.35 -8.71
CA ILE D 26 -8.42 7.47 -8.81
C ILE D 26 -9.07 6.12 -9.12
N GLN D 27 -8.37 5.25 -9.88
CA GLN D 27 -8.84 3.87 -10.10
C GLN D 27 -8.78 3.01 -8.84
N SER D 28 -7.69 3.16 -8.07
CA SER D 28 -7.50 2.40 -6.81
C SER D 28 -8.61 2.66 -5.77
N GLU D 29 -9.14 3.88 -5.75
CA GLU D 29 -10.21 4.24 -4.82
C GLU D 29 -11.61 4.22 -5.48
N LEU D 30 -11.65 4.14 -6.81
CA LEU D 30 -12.89 3.81 -7.52
C LEU D 30 -13.13 2.30 -7.52
N GLY D 31 -12.05 1.52 -7.35
CA GLY D 31 -12.15 0.06 -7.25
C GLY D 31 -12.95 -0.41 -6.05
N GLU D 32 -12.95 0.39 -4.98
CA GLU D 32 -13.72 0.10 -3.78
C GLU D 32 -15.12 0.73 -3.80
N THR D 33 -15.20 2.01 -4.17
CA THR D 33 -16.46 2.76 -4.10
C THR D 33 -17.44 2.42 -5.23
N ASN D 34 -16.96 2.48 -6.48
CA ASN D 34 -17.81 2.28 -7.66
C ASN D 34 -17.06 1.49 -8.74
N PRO D 35 -17.02 0.14 -8.63
CA PRO D 35 -16.34 -0.71 -9.62
C PRO D 35 -16.73 -0.49 -11.08
N PRO D 36 -18.05 -0.32 -11.38
CA PRO D 36 -18.43 0.05 -12.75
C PRO D 36 -17.56 1.16 -13.37
N GLN D 37 -17.28 2.22 -12.60
CA GLN D 37 -16.46 3.33 -13.07
C GLN D 37 -14.95 3.03 -13.03
N ALA D 38 -14.53 2.13 -12.15
CA ALA D 38 -13.14 1.68 -12.11
C ALA D 38 -12.78 0.95 -13.39
N ILE D 39 -13.72 0.16 -13.90
CA ILE D 39 -13.55 -0.60 -15.14
C ILE D 39 -13.69 0.32 -16.37
N TRP D 40 -14.63 1.26 -16.33
CA TRP D 40 -14.83 2.20 -17.44
C TRP D 40 -13.61 3.11 -17.65
N LEU D 41 -13.07 3.62 -16.54
CA LEU D 41 -11.89 4.48 -16.59
C LEU D 41 -10.68 3.71 -17.08
N ASN D 42 -10.65 2.42 -16.77
CA ASN D 42 -9.62 1.52 -17.25
C ASN D 42 -9.71 1.35 -18.77
N GLN D 43 -10.93 1.16 -19.27
CA GLN D 43 -11.17 1.03 -20.71
C GLN D 43 -10.81 2.31 -21.47
N TYR D 44 -11.11 3.47 -20.88
CA TYR D 44 -10.81 4.76 -21.50
C TYR D 44 -9.30 4.93 -21.72
N LEU D 45 -8.50 4.57 -20.70
CA LEU D 45 -7.03 4.56 -20.80
C LEU D 45 -6.47 3.66 -21.92
N ALA D 46 -7.18 2.58 -22.22
CA ALA D 46 -6.76 1.63 -23.25
C ALA D 46 -6.76 2.26 -24.65
N SER D 47 -7.77 3.06 -24.93
CA SER D 47 -7.94 3.67 -26.26
C SER D 47 -7.63 5.17 -26.30
N HIS D 48 -7.27 5.76 -25.15
CA HIS D 48 -6.96 7.20 -25.09
C HIS D 48 -5.60 7.46 -24.46
N SER D 49 -4.72 8.07 -25.26
CA SER D 49 -3.35 8.36 -24.83
C SER D 49 -3.33 9.36 -23.66
N ILE D 50 -2.61 9.00 -22.60
CA ILE D 50 -2.39 9.86 -21.45
C ILE D 50 -0.96 10.43 -21.45
N GLN D 51 -0.22 10.19 -22.53
CA GLN D 51 1.16 10.67 -22.65
C GLN D 51 1.26 12.21 -22.73
N ASN D 52 0.19 12.86 -23.17
CA ASN D 52 0.04 14.32 -23.01
C ASN D 52 -1.06 14.54 -21.99
N GLY D 53 -0.68 15.03 -20.81
CA GLY D 53 -1.61 15.23 -19.70
C GLY D 53 -2.77 16.16 -19.98
N GLU D 54 -2.52 17.21 -20.76
CA GLU D 54 -3.52 18.24 -21.06
C GLU D 54 -4.55 17.78 -22.10
N THR D 55 -4.07 17.18 -23.19
CA THR D 55 -4.92 16.65 -24.25
C THR D 55 -5.83 15.50 -23.77
N PHE D 56 -5.34 14.70 -22.83
CA PHE D 56 -6.13 13.63 -22.21
C PHE D 56 -7.34 14.21 -21.47
N LEU D 57 -7.08 15.19 -20.60
CA LEU D 57 -8.11 15.84 -19.79
C LEU D 57 -9.06 16.69 -20.63
N THR D 58 -8.54 17.31 -21.70
CA THR D 58 -9.38 18.13 -22.58
C THR D 58 -10.43 17.26 -23.29
N GLU D 59 -10.01 16.08 -23.74
CA GLU D 59 -10.92 15.16 -24.44
C GLU D 59 -11.85 14.40 -23.49
N LEU D 60 -11.39 14.15 -22.25
CA LEU D 60 -12.19 13.43 -21.26
C LEU D 60 -13.45 14.20 -20.84
N LEU D 61 -13.34 15.52 -20.69
CA LEU D 61 -14.47 16.35 -20.22
C LEU D 61 -15.63 16.49 -21.22
N ASP D 62 -15.64 15.64 -22.26
CA ASP D 62 -16.80 15.50 -23.15
C ASP D 62 -17.66 14.30 -22.72
N GLU D 63 -17.01 13.27 -22.20
CA GLU D 63 -17.71 12.05 -21.78
C GLU D 63 -18.00 12.06 -20.27
N ASN D 64 -16.99 12.42 -19.47
CA ASN D 64 -17.12 12.48 -18.01
C ASN D 64 -16.44 13.74 -17.46
N LYS D 65 -17.24 14.68 -16.96
CA LYS D 65 -16.72 15.98 -16.49
C LYS D 65 -16.34 16.02 -15.00
N GLU D 66 -16.79 15.05 -14.21
CA GLU D 66 -16.45 15.01 -12.78
C GLU D 66 -15.17 14.22 -12.47
N LEU D 67 -14.78 13.30 -13.36
CA LEU D 67 -13.47 12.65 -13.28
C LEU D 67 -12.37 13.65 -13.60
N VAL D 68 -12.60 14.47 -14.61
CA VAL D 68 -11.69 15.56 -14.99
C VAL D 68 -11.45 16.51 -13.80
N LEU D 69 -12.51 16.78 -13.04
CA LEU D 69 -12.44 17.64 -11.85
C LEU D 69 -11.68 16.98 -10.71
N ARG D 70 -11.88 15.67 -10.53
CA ARG D 70 -11.17 14.90 -9.51
C ARG D 70 -9.68 14.73 -9.84
N ILE D 71 -9.38 14.45 -11.10
CA ILE D 71 -7.98 14.31 -11.54
C ILE D 71 -7.18 15.56 -11.20
N LEU D 72 -7.77 16.72 -11.49
CA LEU D 72 -7.14 17.99 -11.16
C LEU D 72 -6.90 18.08 -9.66
N ALA D 73 -7.95 17.83 -8.87
CA ALA D 73 -7.86 17.90 -7.41
C ALA D 73 -6.93 16.85 -6.81
N VAL D 74 -6.86 15.67 -7.43
CA VAL D 74 -5.98 14.59 -6.97
C VAL D 74 -4.52 14.79 -7.40
N ARG D 75 -4.33 15.37 -8.60
CA ARG D 75 -2.98 15.66 -9.11
C ARG D 75 -2.27 16.70 -8.26
N GLU D 76 -3.02 17.71 -7.79
CA GLU D 76 -2.48 18.74 -6.89
C GLU D 76 -1.94 18.10 -5.62
N ASP D 77 -2.72 17.18 -5.05
CA ASP D 77 -2.34 16.50 -3.81
C ASP D 77 -1.06 15.70 -4.00
N ILE D 78 -0.97 15.01 -5.12
CA ILE D 78 0.24 14.27 -5.48
C ILE D 78 1.40 15.23 -5.71
N ALA D 79 1.15 16.31 -6.46
CA ALA D 79 2.18 17.27 -6.82
C ALA D 79 2.77 17.99 -5.59
N GLU D 80 1.91 18.67 -4.83
CA GLU D 80 2.35 19.40 -3.62
C GLU D 80 3.23 18.53 -2.71
N SER D 81 2.85 17.25 -2.61
CA SER D 81 3.59 16.28 -1.82
C SER D 81 4.98 15.94 -2.42
N VAL D 82 5.04 15.79 -3.74
CA VAL D 82 6.23 15.28 -4.41
C VAL D 82 7.22 16.35 -4.89
N LEU D 83 6.70 17.44 -5.45
CA LEU D 83 7.52 18.43 -6.18
C LEU D 83 8.71 19.02 -5.40
N ASP D 84 8.53 19.35 -4.13
CA ASP D 84 9.63 19.92 -3.31
C ASP D 84 10.80 18.96 -3.09
N PHE D 85 10.52 17.66 -3.13
CA PHE D 85 11.56 16.63 -2.94
C PHE D 85 12.31 16.23 -4.22
N LEU D 86 11.71 16.49 -5.39
CA LEU D 86 12.27 16.07 -6.68
C LEU D 86 13.72 16.52 -6.97
N PRO D 87 14.06 17.79 -6.65
CA PRO D 87 15.45 18.25 -6.82
C PRO D 87 16.50 17.45 -6.02
N GLY D 88 16.23 17.20 -4.74
CA GLY D 88 17.16 16.47 -3.86
C GLY D 88 17.28 14.98 -4.16
N MET D 89 16.17 14.36 -4.56
CA MET D 89 16.15 12.94 -4.91
C MET D 89 16.86 12.65 -6.25
N THR D 90 16.66 13.53 -7.22
CA THR D 90 17.25 13.38 -8.55
C THR D 90 18.78 13.59 -8.54
N ARG D 91 19.24 14.52 -7.70
CA ARG D 91 20.69 14.73 -7.49
C ARG D 91 21.35 13.49 -6.90
N ASN D 92 20.73 12.89 -5.89
CA ASN D 92 21.23 11.66 -5.27
C ASN D 92 21.12 10.44 -6.18
N SER D 93 20.07 10.41 -7.01
CA SER D 93 19.90 9.38 -8.03
C SER D 93 20.97 9.53 -9.11
N LEU D 94 21.19 10.78 -9.55
CA LEU D 94 22.23 11.10 -10.54
C LEU D 94 23.62 10.67 -10.08
N ALA D 95 23.98 11.01 -8.84
CA ALA D 95 25.27 10.64 -8.28
C ALA D 95 25.41 9.13 -8.14
N GLU D 96 24.31 8.44 -7.83
CA GLU D 96 24.31 6.98 -7.73
C GLU D 96 24.47 6.35 -9.11
N SER D 97 23.92 7.02 -10.12
CA SER D 97 24.07 6.64 -11.52
C SER D 97 25.52 6.86 -11.99
N ASN D 98 26.05 8.06 -11.71
CA ASN D 98 27.43 8.41 -12.07
C ASN D 98 28.50 7.46 -11.54
N ILE D 99 28.33 6.99 -10.31
CA ILE D 99 29.28 6.05 -9.69
C ILE D 99 29.09 4.63 -10.25
N ALA D 100 27.87 4.30 -10.66
CA ALA D 100 27.54 2.98 -11.21
C ALA D 100 28.16 2.74 -12.59
N HIS D 101 28.07 3.74 -13.46
CA HIS D 101 28.57 3.61 -14.84
C HIS D 101 30.09 3.69 -14.98
N ARG D 102 30.74 4.55 -14.20
CA ARG D 102 32.19 4.78 -14.35
C ARG D 102 33.08 3.68 -13.75
N ARG D 103 32.48 2.61 -13.24
CA ARG D 103 33.24 1.47 -12.73
C ARG D 103 33.47 0.44 -13.84
N HIS D 104 34.52 -0.37 -13.68
CA HIS D 104 34.87 -1.41 -14.65
C HIS D 104 33.89 -2.58 -14.54
#